data_4SBV
#
_entry.id   4SBV
#
_cell.length_a   334.300
_cell.length_b   334.300
_cell.length_c   757.500
_cell.angle_alpha   90.00
_cell.angle_beta   90.00
_cell.angle_gamma   120.00
#
_symmetry.space_group_name_H-M   'H 3 2'
#
loop_
_entity.id
_entity.type
_entity.pdbx_description
1 polymer 'SOUTHERN BEAN MOSAIC VIRUS COAT PROTEIN'
2 non-polymer 'CALCIUM ION'
3 water water
#
_entity_poly.entity_id   1
_entity_poly.type   'polypeptide(L)'
_entity_poly.pdbx_seq_one_letter_code
;ATRLTKKQLAQAIQNTLPNPPRRKRRAKRRAAQVPKPTQAGVSMAPIAQGTMVKLRPPMLRSSMDVTILSHCELSTELAV
TVTIVVTSELVMPFTVGTWLRGVAQNWSKYAWVAIRYTYLPSCPTTTSGAIHMGFQYDMADTLPVSVNQLSNLKGYVTGP
VWEGQSGLCFVNNTKCPDTSRAITIALDTNEVSEKRYPFKTATDYATAVGVNANIGNILVPARLVTAMEGGSSKTAVNTG
RLYASYTIRLIEPIAAALNL
;
_entity_poly.pdbx_strand_id   A,B,C
#
# COMPACT_ATOMS: atom_id res chain seq x y z
N SER A 62 -18.74 -15.78 6.69
CA SER A 62 -17.45 -15.70 7.48
C SER A 62 -17.59 -14.71 8.61
N SER A 63 -17.30 -15.11 9.85
CA SER A 63 -17.36 -14.16 11.04
C SER A 63 -16.52 -14.83 12.15
N MET A 64 -15.37 -14.21 12.38
CA MET A 64 -14.32 -14.54 13.32
C MET A 64 -13.96 -13.29 14.14
N ASP A 65 -13.00 -12.60 13.58
CA ASP A 65 -12.36 -11.35 13.89
C ASP A 65 -12.72 -10.49 12.61
N VAL A 66 -13.19 -11.23 11.61
CA VAL A 66 -13.65 -10.64 10.40
C VAL A 66 -15.20 -10.58 10.43
N THR A 67 -15.70 -9.47 10.01
CA THR A 67 -17.09 -9.22 9.93
C THR A 67 -17.52 -8.84 8.54
N ILE A 68 -18.54 -9.52 8.09
CA ILE A 68 -19.06 -9.19 6.77
C ILE A 68 -20.46 -8.64 6.85
N LEU A 69 -20.81 -7.65 6.07
CA LEU A 69 -22.20 -7.18 6.13
C LEU A 69 -22.41 -6.54 4.75
N SER A 70 -23.69 -6.70 4.53
CA SER A 70 -24.25 -6.22 3.25
C SER A 70 -25.39 -5.28 3.47
N HIS A 71 -25.39 -4.17 2.76
CA HIS A 71 -26.49 -3.22 2.92
C HIS A 71 -26.79 -2.46 1.65
N CYS A 72 -27.85 -1.67 1.79
CA CYS A 72 -28.27 -0.89 0.65
C CYS A 72 -28.96 0.37 1.09
N GLU A 73 -28.38 1.47 0.60
CA GLU A 73 -28.91 2.79 0.99
C GLU A 73 -28.76 3.89 -0.02
N LEU A 74 -29.09 5.10 0.43
CA LEU A 74 -29.10 6.27 -0.45
C LEU A 74 -27.77 6.96 -0.45
N SER A 75 -27.16 7.06 -1.58
CA SER A 75 -25.82 7.70 -1.58
C SER A 75 -26.02 9.20 -1.77
N THR A 76 -27.00 9.55 -2.60
CA THR A 76 -27.20 10.97 -2.88
C THR A 76 -28.30 11.33 -3.81
N GLU A 77 -28.70 12.60 -3.85
CA GLU A 77 -29.83 12.97 -4.76
C GLU A 77 -29.43 13.86 -5.89
N LEU A 78 -30.17 13.77 -7.02
CA LEU A 78 -29.67 14.67 -8.11
C LEU A 78 -30.83 15.45 -8.74
N ALA A 79 -30.28 16.51 -9.37
CA ALA A 79 -31.07 17.46 -10.15
C ALA A 79 -30.28 17.97 -11.35
N VAL A 80 -30.92 18.22 -12.45
CA VAL A 80 -30.52 18.72 -13.69
C VAL A 80 -30.71 20.24 -14.00
N THR A 81 -29.81 20.84 -14.73
CA THR A 81 -29.91 22.23 -15.20
C THR A 81 -29.85 22.28 -16.73
N VAL A 82 -29.63 23.38 -17.39
CA VAL A 82 -29.56 23.68 -18.79
C VAL A 82 -28.20 23.27 -19.41
N THR A 83 -27.23 23.38 -18.54
CA THR A 83 -25.84 23.16 -18.71
C THR A 83 -25.41 21.86 -18.04
N ILE A 84 -24.14 21.56 -18.14
CA ILE A 84 -23.56 20.37 -17.61
C ILE A 84 -22.83 20.59 -16.35
N VAL A 85 -23.17 19.73 -15.42
CA VAL A 85 -22.55 19.74 -14.10
C VAL A 85 -21.88 18.40 -13.84
N VAL A 86 -20.65 18.41 -13.43
CA VAL A 86 -19.96 17.16 -13.12
C VAL A 86 -19.60 17.02 -11.64
N THR A 87 -20.02 15.98 -10.99
CA THR A 87 -19.68 15.74 -9.59
C THR A 87 -18.83 14.50 -9.44
N SER A 88 -18.43 14.28 -8.22
CA SER A 88 -17.63 13.10 -7.87
C SER A 88 -17.91 12.77 -6.40
N GLU A 89 -17.93 11.46 -6.21
CA GLU A 89 -18.13 10.86 -4.90
C GLU A 89 -16.96 9.90 -4.71
N LEU A 90 -16.40 9.98 -3.53
CA LEU A 90 -15.30 9.08 -3.16
C LEU A 90 -16.03 7.76 -2.87
N VAL A 91 -15.40 6.66 -3.13
CA VAL A 91 -16.26 5.43 -2.78
C VAL A 91 -15.53 4.77 -1.64
N MET A 92 -15.84 5.38 -0.49
CA MET A 92 -15.26 4.89 0.79
C MET A 92 -16.49 4.78 1.70
N PRO A 93 -16.32 3.93 2.68
CA PRO A 93 -17.40 3.67 3.65
C PRO A 93 -17.90 5.00 4.18
N PHE A 94 -16.97 5.85 4.62
CA PHE A 94 -17.50 7.15 5.20
C PHE A 94 -18.49 7.80 4.25
N THR A 95 -18.12 8.42 3.17
CA THR A 95 -18.90 9.02 2.21
C THR A 95 -19.86 8.14 1.43
N VAL A 96 -20.05 6.88 1.74
CA VAL A 96 -20.98 6.24 0.74
C VAL A 96 -22.41 6.48 1.14
N GLY A 97 -22.64 6.45 2.39
CA GLY A 97 -24.01 6.64 2.95
C GLY A 97 -23.85 6.94 4.42
N THR A 98 -24.86 7.44 5.09
CA THR A 98 -24.69 7.76 6.53
C THR A 98 -24.88 6.52 7.36
N TRP A 99 -25.39 5.48 6.77
CA TRP A 99 -25.62 4.30 7.61
C TRP A 99 -24.29 3.53 7.76
N LEU A 100 -23.83 3.12 6.59
CA LEU A 100 -22.58 2.35 6.53
C LEU A 100 -21.57 3.12 7.36
N ARG A 101 -21.52 4.33 7.09
CA ARG A 101 -20.68 5.29 7.76
C ARG A 101 -20.63 5.19 9.26
N GLY A 102 -21.78 5.00 9.86
CA GLY A 102 -21.94 4.89 11.30
C GLY A 102 -21.59 3.48 11.78
N VAL A 103 -21.70 2.51 10.87
CA VAL A 103 -21.40 1.15 11.20
C VAL A 103 -19.91 0.89 11.02
N ALA A 104 -19.40 1.29 9.88
CA ALA A 104 -17.99 1.06 9.57
C ALA A 104 -17.00 1.75 10.50
N GLN A 105 -17.43 2.85 11.08
CA GLN A 105 -16.44 3.59 11.93
C GLN A 105 -15.90 2.71 13.01
N ASN A 106 -16.65 1.69 13.35
CA ASN A 106 -16.19 0.81 14.44
C ASN A 106 -15.06 -0.12 14.12
N TRP A 107 -14.55 -0.06 12.92
CA TRP A 107 -13.49 -0.96 12.49
C TRP A 107 -12.38 -0.18 11.79
N SER A 108 -11.19 -0.61 11.96
CA SER A 108 -9.99 0.01 11.43
C SER A 108 -9.74 -0.02 9.95
N LYS A 109 -10.04 -1.10 9.30
CA LYS A 109 -9.71 -1.13 7.78
C LYS A 109 -10.73 -2.13 7.24
N TYR A 110 -10.87 -2.20 5.97
CA TYR A 110 -11.87 -3.02 5.29
C TYR A 110 -11.53 -3.17 3.85
N ALA A 111 -12.36 -3.81 3.09
CA ALA A 111 -12.15 -3.99 1.63
C ALA A 111 -13.59 -4.28 1.11
N TRP A 112 -13.72 -3.76 -0.09
CA TRP A 112 -15.03 -3.82 -0.72
C TRP A 112 -15.23 -5.18 -1.28
N VAL A 113 -16.23 -5.92 -0.97
CA VAL A 113 -16.38 -7.22 -1.64
C VAL A 113 -17.23 -6.85 -2.87
N ALA A 114 -18.01 -5.83 -2.62
CA ALA A 114 -18.93 -5.35 -3.67
C ALA A 114 -19.60 -4.06 -3.23
N ILE A 115 -19.82 -3.26 -4.26
CA ILE A 115 -20.42 -1.94 -4.11
C ILE A 115 -20.89 -1.50 -5.49
N ARG A 116 -22.03 -0.83 -5.40
CA ARG A 116 -22.62 -0.41 -6.69
C ARG A 116 -23.72 0.59 -6.53
N TYR A 117 -23.71 1.49 -7.49
CA TYR A 117 -24.67 2.63 -7.50
C TYR A 117 -25.70 2.42 -8.58
N THR A 118 -26.91 2.70 -8.17
CA THR A 118 -28.09 2.60 -9.03
C THR A 118 -28.84 3.91 -8.93
N TYR A 119 -29.52 4.33 -9.95
CA TYR A 119 -30.25 5.60 -9.91
C TYR A 119 -31.70 5.26 -10.10
N LEU A 120 -32.56 5.89 -9.37
CA LEU A 120 -34.02 5.63 -9.44
C LEU A 120 -34.74 6.91 -9.74
N PRO A 121 -35.53 6.92 -10.78
CA PRO A 121 -36.27 8.09 -11.19
C PRO A 121 -37.29 8.47 -10.17
N SER A 122 -37.64 9.74 -10.14
CA SER A 122 -38.70 10.25 -9.23
C SER A 122 -39.58 11.19 -10.07
N CYS A 123 -39.22 11.60 -11.28
CA CYS A 123 -39.98 12.42 -12.15
C CYS A 123 -41.12 11.83 -12.97
N PRO A 124 -41.76 12.73 -13.68
CA PRO A 124 -42.77 12.42 -14.68
C PRO A 124 -41.91 12.08 -15.91
N THR A 125 -42.47 11.57 -16.92
CA THR A 125 -41.92 11.08 -18.15
C THR A 125 -41.56 12.23 -19.09
N THR A 126 -41.67 13.34 -18.48
CA THR A 126 -41.63 14.54 -19.18
C THR A 126 -40.56 15.45 -18.80
N THR A 127 -39.63 14.97 -17.99
CA THR A 127 -38.46 15.80 -17.55
C THR A 127 -37.44 15.82 -18.62
N SER A 128 -36.37 16.59 -18.48
CA SER A 128 -35.45 16.58 -19.65
C SER A 128 -34.05 16.39 -19.30
N GLY A 129 -33.49 15.23 -19.20
CA GLY A 129 -32.04 15.24 -18.81
C GLY A 129 -31.56 13.81 -18.78
N ALA A 130 -30.31 13.73 -18.44
CA ALA A 130 -29.72 12.38 -18.44
C ALA A 130 -28.67 12.30 -17.41
N ILE A 131 -28.52 11.18 -16.77
CA ILE A 131 -27.42 11.05 -15.76
C ILE A 131 -26.38 10.24 -16.51
N HIS A 132 -25.18 10.35 -16.09
CA HIS A 132 -24.02 9.64 -16.63
C HIS A 132 -23.10 9.19 -15.49
N MET A 133 -22.24 8.22 -15.61
CA MET A 133 -21.33 7.92 -14.46
C MET A 133 -20.27 6.92 -15.00
N GLY A 134 -19.15 7.09 -14.33
CA GLY A 134 -17.95 6.33 -14.64
C GLY A 134 -17.05 6.44 -13.43
N PHE A 135 -16.20 5.46 -13.28
CA PHE A 135 -15.31 5.41 -12.10
C PHE A 135 -13.97 5.97 -12.53
N GLN A 136 -13.26 6.39 -11.55
CA GLN A 136 -11.90 7.00 -11.90
C GLN A 136 -11.02 6.49 -10.81
N TYR A 137 -9.71 6.36 -11.05
CA TYR A 137 -8.90 5.78 -9.94
C TYR A 137 -7.64 6.43 -9.49
N ASP A 138 -7.26 7.53 -10.04
CA ASP A 138 -6.01 8.25 -9.68
C ASP A 138 -6.54 9.46 -8.96
N MET A 139 -6.61 9.48 -7.65
CA MET A 139 -7.14 10.70 -7.01
C MET A 139 -6.46 11.90 -7.69
N ALA A 140 -5.44 11.73 -8.51
CA ALA A 140 -4.76 12.86 -9.13
C ALA A 140 -5.25 13.25 -10.49
N ASP A 141 -5.91 12.41 -11.25
CA ASP A 141 -6.35 12.88 -12.59
C ASP A 141 -7.52 13.85 -12.44
N THR A 142 -7.83 14.60 -13.43
CA THR A 142 -8.83 15.58 -13.66
C THR A 142 -10.24 15.13 -13.84
N LEU A 143 -11.29 15.84 -13.48
CA LEU A 143 -12.62 15.27 -13.81
C LEU A 143 -12.87 15.53 -15.29
N PRO A 144 -13.63 14.65 -15.87
CA PRO A 144 -14.04 14.80 -17.26
C PRO A 144 -14.69 16.16 -17.30
N VAL A 145 -14.80 16.64 -18.53
CA VAL A 145 -15.42 17.99 -18.67
C VAL A 145 -16.49 18.04 -19.72
N SER A 146 -16.66 16.90 -20.36
CA SER A 146 -17.54 16.65 -21.47
C SER A 146 -18.16 15.30 -21.52
N VAL A 147 -19.38 15.14 -22.03
CA VAL A 147 -19.98 13.77 -22.02
C VAL A 147 -18.95 12.81 -22.63
N ASN A 148 -18.61 13.03 -23.86
CA ASN A 148 -17.61 12.27 -24.57
C ASN A 148 -16.47 11.78 -23.68
N GLN A 149 -15.80 12.70 -23.05
CA GLN A 149 -14.69 12.33 -22.16
C GLN A 149 -15.16 11.23 -21.22
N LEU A 150 -16.13 11.64 -20.45
CA LEU A 150 -16.75 10.76 -19.42
C LEU A 150 -17.18 9.45 -20.02
N SER A 151 -17.59 9.50 -21.27
CA SER A 151 -18.03 8.37 -22.09
C SER A 151 -17.04 7.23 -21.98
N ASN A 152 -15.75 7.47 -21.85
CA ASN A 152 -14.91 6.21 -21.80
C ASN A 152 -14.32 5.93 -20.43
N LEU A 153 -15.15 6.24 -19.44
CA LEU A 153 -14.70 5.90 -18.03
C LEU A 153 -15.03 4.40 -17.90
N LYS A 154 -14.83 3.78 -16.78
CA LYS A 154 -15.08 2.38 -16.51
C LYS A 154 -16.53 2.01 -16.38
N GLY A 155 -17.38 2.40 -15.52
CA GLY A 155 -18.79 1.73 -15.75
C GLY A 155 -19.61 2.58 -16.68
N TYR A 156 -19.10 3.31 -17.63
CA TYR A 156 -19.99 4.19 -18.39
C TYR A 156 -21.43 3.61 -18.50
N VAL A 157 -22.34 4.44 -18.11
CA VAL A 157 -23.76 4.11 -18.12
C VAL A 157 -24.59 5.37 -18.13
N THR A 158 -25.66 5.46 -18.85
CA THR A 158 -26.45 6.68 -18.87
C THR A 158 -27.83 6.40 -19.38
N GLY A 159 -28.66 7.39 -19.11
CA GLY A 159 -30.05 7.39 -19.56
C GLY A 159 -30.76 8.66 -19.12
N PRO A 160 -31.90 8.85 -19.72
CA PRO A 160 -32.78 9.95 -19.42
C PRO A 160 -33.17 9.97 -17.98
N VAL A 161 -33.08 11.11 -17.38
CA VAL A 161 -33.47 11.20 -15.96
C VAL A 161 -34.80 10.53 -15.71
N TRP A 162 -35.57 10.02 -16.63
CA TRP A 162 -36.87 9.43 -16.16
C TRP A 162 -36.87 7.92 -16.15
N GLU A 163 -35.91 7.39 -16.83
CA GLU A 163 -35.72 5.94 -16.98
C GLU A 163 -35.03 5.42 -15.74
N GLY A 164 -34.83 4.11 -15.59
CA GLY A 164 -34.18 3.54 -14.46
C GLY A 164 -34.80 2.58 -13.52
N GLN A 165 -36.09 2.57 -13.41
CA GLN A 165 -36.92 1.76 -12.52
C GLN A 165 -36.43 0.32 -12.55
N SER A 166 -36.13 -0.10 -13.73
CA SER A 166 -35.60 -1.53 -13.82
C SER A 166 -34.31 -1.59 -13.04
N GLY A 167 -34.17 -1.11 -11.81
CA GLY A 167 -32.98 -1.08 -11.02
C GLY A 167 -33.32 -1.39 -9.58
N LEU A 168 -34.60 -1.19 -9.29
CA LEU A 168 -35.06 -1.53 -7.88
C LEU A 168 -34.53 -2.90 -7.83
N CYS A 169 -33.92 -3.65 -7.08
CA CYS A 169 -33.63 -5.07 -7.62
C CYS A 169 -32.23 -5.18 -7.05
N PHE A 170 -31.62 -4.05 -7.34
CA PHE A 170 -30.20 -3.95 -6.79
C PHE A 170 -30.48 -3.38 -5.40
N VAL A 171 -31.47 -2.51 -5.32
CA VAL A 171 -31.89 -1.92 -4.07
C VAL A 171 -32.60 -3.03 -3.28
N ASN A 172 -33.69 -3.36 -3.90
CA ASN A 172 -34.69 -4.33 -3.60
C ASN A 172 -34.17 -5.66 -3.09
N ASN A 173 -33.19 -6.12 -3.81
CA ASN A 173 -32.50 -7.37 -3.60
C ASN A 173 -33.40 -8.51 -4.12
N THR A 174 -33.85 -8.23 -5.29
CA THR A 174 -34.75 -9.14 -6.02
C THR A 174 -33.91 -9.71 -7.12
N LYS A 175 -34.24 -10.92 -7.55
CA LYS A 175 -33.50 -11.51 -8.67
C LYS A 175 -34.43 -11.06 -9.83
N CYS A 176 -33.79 -10.31 -10.70
CA CYS A 176 -34.65 -9.80 -11.84
C CYS A 176 -33.76 -9.81 -13.09
N PRO A 177 -34.18 -10.70 -13.98
CA PRO A 177 -33.60 -10.96 -15.26
C PRO A 177 -33.64 -9.82 -16.25
N ASP A 178 -33.49 -8.63 -15.75
CA ASP A 178 -33.56 -7.40 -16.67
C ASP A 178 -32.91 -6.29 -15.81
N THR A 179 -31.84 -5.87 -16.37
CA THR A 179 -30.73 -5.01 -16.30
C THR A 179 -30.65 -4.40 -17.72
N SER A 180 -31.78 -4.87 -18.27
CA SER A 180 -32.20 -4.57 -19.63
C SER A 180 -31.54 -3.23 -19.90
N ARG A 181 -31.84 -2.35 -19.00
CA ARG A 181 -31.50 -0.99 -18.81
C ARG A 181 -31.65 -0.76 -17.30
N ALA A 182 -30.83 0.00 -16.74
CA ALA A 182 -30.85 0.20 -15.29
C ALA A 182 -29.65 1.08 -15.15
N ILE A 183 -29.88 2.28 -14.68
CA ILE A 183 -28.64 3.12 -14.62
C ILE A 183 -27.87 2.61 -13.42
N THR A 184 -27.08 1.56 -13.70
CA THR A 184 -26.29 1.01 -12.57
C THR A 184 -24.85 0.83 -12.88
N ILE A 185 -24.00 1.05 -11.89
CA ILE A 185 -22.55 0.92 -12.13
C ILE A 185 -21.98 0.21 -10.96
N ALA A 186 -21.37 -0.93 -11.14
CA ALA A 186 -20.78 -1.71 -10.00
C ALA A 186 -19.28 -1.55 -10.02
N LEU A 187 -18.53 -1.52 -8.93
CA LEU A 187 -17.06 -1.30 -9.01
C LEU A 187 -16.36 -2.56 -9.43
N ASP A 188 -15.22 -2.44 -10.03
CA ASP A 188 -14.43 -3.61 -10.53
C ASP A 188 -13.56 -4.00 -9.34
N THR A 189 -14.22 -4.41 -8.29
CA THR A 189 -13.58 -4.73 -7.02
C THR A 189 -12.41 -5.66 -6.96
N ASN A 190 -11.70 -5.90 -7.99
CA ASN A 190 -10.58 -6.73 -8.20
C ASN A 190 -9.21 -6.14 -8.47
N GLU A 191 -9.40 -5.01 -9.12
CA GLU A 191 -8.28 -4.22 -9.64
C GLU A 191 -8.03 -3.02 -8.77
N VAL A 192 -8.26 -3.18 -7.49
CA VAL A 192 -8.01 -2.01 -6.56
C VAL A 192 -6.53 -2.02 -6.25
N SER A 193 -5.94 -0.89 -6.07
CA SER A 193 -4.53 -0.79 -5.81
C SER A 193 -4.02 -1.51 -4.58
N GLU A 194 -4.70 -1.24 -3.51
CA GLU A 194 -4.38 -1.72 -2.16
C GLU A 194 -5.20 -2.90 -1.78
N LYS A 195 -4.50 -3.73 -1.00
CA LYS A 195 -5.14 -5.02 -0.56
C LYS A 195 -6.42 -4.67 0.15
N ARG A 196 -6.24 -3.78 1.10
CA ARG A 196 -7.27 -3.23 1.93
C ARG A 196 -6.90 -1.76 2.08
N TYR A 197 -7.88 -1.07 2.57
CA TYR A 197 -7.89 0.30 2.82
C TYR A 197 -8.34 0.56 4.22
N PRO A 198 -7.86 1.63 4.75
CA PRO A 198 -8.24 2.08 6.10
C PRO A 198 -9.46 2.95 6.03
N PHE A 199 -10.07 3.08 7.20
CA PHE A 199 -11.23 3.89 7.41
C PHE A 199 -10.73 5.35 7.39
N LYS A 200 -11.13 6.12 6.44
CA LYS A 200 -10.67 7.54 6.49
C LYS A 200 -12.03 8.31 6.53
N THR A 201 -11.95 9.30 7.36
CA THR A 201 -12.97 10.27 7.66
C THR A 201 -12.75 11.50 6.79
N ALA A 202 -13.68 11.84 5.99
CA ALA A 202 -13.67 12.97 5.05
C ALA A 202 -12.66 14.07 5.36
N THR A 203 -13.01 14.73 6.45
CA THR A 203 -12.15 15.88 6.84
C THR A 203 -10.71 15.45 6.80
N ASP A 204 -10.36 14.25 7.22
CA ASP A 204 -8.90 13.89 7.19
C ASP A 204 -8.51 13.77 5.71
N TYR A 205 -9.17 12.83 5.05
CA TYR A 205 -8.94 12.62 3.64
C TYR A 205 -8.58 13.95 2.93
N ALA A 206 -9.56 14.83 3.08
CA ALA A 206 -9.61 16.18 2.59
C ALA A 206 -8.26 16.89 2.72
N THR A 207 -7.93 16.87 4.03
CA THR A 207 -6.73 17.49 4.51
C THR A 207 -5.44 17.00 3.83
N ALA A 208 -5.41 15.70 3.76
CA ALA A 208 -4.29 14.95 3.22
C ALA A 208 -4.13 15.15 1.73
N VAL A 209 -5.26 15.05 1.09
CA VAL A 209 -5.37 15.16 -0.37
C VAL A 209 -4.94 16.53 -0.80
N GLY A 210 -4.96 17.39 0.26
CA GLY A 210 -4.63 18.79 -0.13
C GLY A 210 -3.17 18.99 0.15
N VAL A 211 -2.53 17.89 0.49
CA VAL A 211 -1.07 18.14 0.78
C VAL A 211 -0.47 17.94 -0.61
N ASN A 212 -0.98 16.81 -1.09
CA ASN A 212 -0.64 16.33 -2.44
C ASN A 212 -1.83 15.36 -2.71
N ALA A 213 -2.30 15.66 -3.90
CA ALA A 213 -3.48 14.95 -4.40
C ALA A 213 -3.02 13.59 -4.84
N ASN A 214 -2.23 12.94 -4.09
CA ASN A 214 -1.72 11.64 -4.59
C ASN A 214 -1.70 10.77 -3.37
N ILE A 215 -1.93 11.45 -2.27
CA ILE A 215 -1.91 10.65 -1.03
C ILE A 215 -3.24 9.91 -1.06
N GLY A 216 -4.29 10.59 -1.44
CA GLY A 216 -5.66 9.96 -1.45
C GLY A 216 -5.63 8.57 -2.08
N ASN A 217 -4.70 8.43 -3.02
CA ASN A 217 -4.54 7.17 -3.73
C ASN A 217 -4.24 5.98 -2.84
N ILE A 218 -3.82 6.13 -1.64
CA ILE A 218 -3.48 5.29 -0.61
C ILE A 218 -4.75 4.99 0.25
N LEU A 219 -5.50 6.08 0.31
CA LEU A 219 -6.72 6.07 1.14
C LEU A 219 -7.98 5.64 0.46
N VAL A 220 -8.18 5.62 -0.85
CA VAL A 220 -9.45 5.19 -1.47
C VAL A 220 -9.28 4.43 -2.78
N PRO A 221 -10.11 3.43 -2.87
CA PRO A 221 -10.04 2.57 -4.06
C PRO A 221 -10.56 3.26 -5.24
N ALA A 222 -11.45 4.22 -5.19
CA ALA A 222 -11.91 4.81 -6.50
C ALA A 222 -12.87 5.96 -6.37
N ARG A 223 -13.19 6.66 -7.45
CA ARG A 223 -14.13 7.79 -7.30
C ARG A 223 -15.15 7.76 -8.39
N LEU A 224 -16.41 7.95 -7.98
CA LEU A 224 -17.50 7.93 -8.95
C LEU A 224 -17.64 9.29 -9.60
N VAL A 225 -17.85 9.35 -10.85
CA VAL A 225 -18.03 10.69 -11.49
C VAL A 225 -19.47 10.76 -11.92
N THR A 226 -20.19 11.81 -11.61
CA THR A 226 -21.61 11.76 -12.13
C THR A 226 -21.81 13.09 -12.85
N ALA A 227 -22.38 13.03 -14.05
CA ALA A 227 -22.61 14.31 -14.76
C ALA A 227 -24.12 14.41 -15.02
N MET A 228 -24.71 15.54 -14.73
CA MET A 228 -26.12 15.88 -14.92
C MET A 228 -26.08 17.00 -16.02
N GLU A 229 -26.60 16.51 -17.09
CA GLU A 229 -26.68 17.32 -18.37
C GLU A 229 -28.10 17.11 -18.75
N GLY A 230 -28.82 17.98 -19.36
CA GLY A 230 -30.34 17.58 -19.57
C GLY A 230 -30.89 18.93 -20.06
N GLY A 231 -31.28 19.74 -19.10
CA GLY A 231 -31.67 21.07 -19.28
C GLY A 231 -32.95 21.45 -19.83
N SER A 232 -33.77 21.99 -18.92
CA SER A 232 -35.07 22.48 -19.50
C SER A 232 -34.93 23.95 -19.10
N SER A 233 -34.70 24.02 -17.82
CA SER A 233 -34.53 25.23 -17.05
C SER A 233 -33.13 25.39 -16.47
N LYS A 234 -32.74 26.62 -16.30
CA LYS A 234 -31.39 26.86 -15.73
C LYS A 234 -31.59 26.88 -14.21
N THR A 235 -32.74 26.35 -13.82
CA THR A 235 -33.10 26.21 -12.40
C THR A 235 -32.80 24.73 -12.11
N ALA A 236 -32.68 24.38 -10.87
CA ALA A 236 -32.36 22.96 -10.57
C ALA A 236 -33.53 22.05 -10.41
N VAL A 237 -33.62 20.97 -11.19
CA VAL A 237 -34.75 20.02 -11.06
C VAL A 237 -34.36 18.66 -10.48
N ASN A 238 -35.05 18.38 -9.41
CA ASN A 238 -34.90 17.12 -8.64
C ASN A 238 -35.36 16.04 -9.59
N THR A 239 -34.50 15.07 -9.88
CA THR A 239 -34.87 14.06 -10.85
C THR A 239 -34.90 12.65 -10.36
N GLY A 240 -34.19 12.40 -9.31
CA GLY A 240 -34.13 11.05 -8.74
C GLY A 240 -32.96 10.94 -7.77
N ARG A 241 -32.64 9.68 -7.45
CA ARG A 241 -31.57 9.49 -6.48
C ARG A 241 -30.65 8.34 -6.79
N LEU A 242 -29.48 8.45 -6.18
CA LEU A 242 -28.51 7.43 -6.38
C LEU A 242 -28.46 6.52 -5.16
N TYR A 243 -28.51 5.22 -5.39
CA TYR A 243 -28.45 4.30 -4.23
C TYR A 243 -27.26 3.34 -4.28
N ALA A 244 -26.62 3.21 -3.12
CA ALA A 244 -25.47 2.28 -3.06
C ALA A 244 -25.88 0.96 -2.37
N SER A 245 -25.31 -0.07 -2.98
CA SER A 245 -25.49 -1.48 -2.63
C SER A 245 -24.14 -2.15 -2.55
N TYR A 246 -23.79 -2.38 -1.30
CA TYR A 246 -22.48 -2.93 -1.01
C TYR A 246 -22.47 -4.13 -0.11
N THR A 247 -21.29 -4.76 -0.20
CA THR A 247 -20.97 -5.92 0.64
C THR A 247 -19.50 -5.66 1.01
N ILE A 248 -19.44 -5.25 2.28
CA ILE A 248 -18.14 -4.88 2.83
C ILE A 248 -17.70 -5.84 3.90
N ARG A 249 -16.42 -5.98 3.93
CA ARG A 249 -15.68 -6.82 4.85
C ARG A 249 -14.82 -5.97 5.80
N LEU A 250 -15.35 -5.70 6.96
CA LEU A 250 -14.89 -4.99 8.10
C LEU A 250 -13.84 -5.79 8.87
N ILE A 251 -12.83 -5.00 9.33
CA ILE A 251 -11.76 -5.79 10.02
C ILE A 251 -10.98 -5.38 11.17
N GLU A 252 -10.69 -4.26 11.69
CA GLU A 252 -9.80 -4.40 13.01
C GLU A 252 -10.52 -3.37 13.82
N PRO A 253 -11.40 -3.94 14.62
CA PRO A 253 -12.29 -3.11 15.46
C PRO A 253 -11.51 -2.07 16.23
N ILE A 254 -12.15 -0.86 16.17
CA ILE A 254 -11.54 0.26 16.92
C ILE A 254 -12.65 1.03 17.62
N ALA A 255 -12.34 1.72 18.69
CA ALA A 255 -13.43 2.52 19.36
C ALA A 255 -13.80 3.50 18.24
N ALA A 256 -15.11 3.69 18.06
CA ALA A 256 -15.54 4.56 16.93
C ALA A 256 -14.88 5.93 16.95
N ALA A 257 -15.04 6.48 18.11
CA ALA A 257 -14.56 7.80 18.43
C ALA A 257 -13.13 8.07 18.08
N LEU A 258 -12.33 7.10 17.86
CA LEU A 258 -10.92 7.27 17.60
C LEU A 258 -10.36 7.15 16.22
N ASN A 259 -11.28 6.91 15.28
CA ASN A 259 -11.00 6.67 13.91
C ASN A 259 -10.95 7.87 12.99
N LEU A 260 -9.77 8.32 12.60
CA LEU A 260 -9.80 9.44 11.62
C LEU A 260 -9.60 8.76 10.22
N SER B 62 -6.51 -11.02 -23.81
CA SER B 62 -7.23 -9.85 -23.28
C SER B 62 -8.73 -10.13 -23.12
N SER B 63 -9.27 -9.55 -22.05
CA SER B 63 -10.73 -9.61 -21.68
C SER B 63 -11.41 -8.38 -22.30
N MET B 64 -12.64 -8.12 -21.93
CA MET B 64 -13.38 -6.94 -22.48
C MET B 64 -13.29 -5.78 -21.51
N ASP B 65 -12.44 -5.96 -20.53
CA ASP B 65 -12.17 -5.08 -19.43
C ASP B 65 -10.68 -4.77 -19.35
N VAL B 66 -9.94 -5.82 -19.63
CA VAL B 66 -8.49 -5.80 -19.59
C VAL B 66 -7.85 -5.85 -20.94
N THR B 67 -6.67 -5.33 -21.07
CA THR B 67 -5.98 -5.39 -22.37
C THR B 67 -4.62 -5.90 -22.12
N ILE B 68 -4.14 -6.78 -22.94
CA ILE B 68 -2.74 -7.20 -22.61
C ILE B 68 -1.91 -6.75 -23.80
N LEU B 69 -0.84 -6.13 -23.49
CA LEU B 69 0.02 -5.64 -24.53
C LEU B 69 1.47 -5.94 -24.30
N SER B 70 2.09 -6.45 -25.37
CA SER B 70 3.53 -6.76 -25.29
C SER B 70 4.22 -5.95 -26.36
N HIS B 71 5.46 -5.58 -26.11
CA HIS B 71 6.19 -4.78 -27.10
C HIS B 71 7.63 -4.58 -26.78
N CYS B 72 8.34 -4.02 -27.72
CA CYS B 72 9.73 -3.64 -27.67
C CYS B 72 10.02 -2.18 -27.97
N GLU B 73 11.09 -1.55 -27.50
CA GLU B 73 11.22 -0.06 -27.85
C GLU B 73 12.49 0.53 -27.43
N LEU B 74 13.07 1.66 -27.89
CA LEU B 74 14.35 1.92 -27.19
C LEU B 74 13.74 2.79 -25.98
N SER B 75 14.24 2.33 -24.87
CA SER B 75 13.87 3.04 -23.67
C SER B 75 14.93 4.15 -23.64
N THR B 76 16.18 3.91 -24.02
CA THR B 76 17.12 5.06 -23.97
C THR B 76 18.42 4.86 -24.67
N GLU B 77 19.14 5.93 -24.91
CA GLU B 77 20.41 5.85 -25.66
C GLU B 77 21.57 6.27 -24.79
N LEU B 78 22.78 5.75 -24.94
CA LEU B 78 23.84 6.20 -24.01
C LEU B 78 25.24 6.22 -24.61
N ALA B 79 26.09 6.89 -23.80
CA ALA B 79 27.50 7.05 -24.14
C ALA B 79 28.33 6.99 -22.83
N VAL B 80 29.63 6.93 -23.12
CA VAL B 80 30.58 6.84 -22.03
C VAL B 80 31.68 7.88 -22.07
N THR B 81 32.17 8.08 -20.81
CA THR B 81 33.29 9.08 -20.78
C THR B 81 34.48 8.61 -20.04
N VAL B 82 35.35 9.55 -19.73
CA VAL B 82 36.57 9.42 -19.01
C VAL B 82 36.21 8.79 -17.65
N THR B 83 35.14 9.39 -17.15
CA THR B 83 34.62 9.09 -15.83
C THR B 83 33.22 8.53 -15.75
N ILE B 84 32.82 8.27 -14.52
CA ILE B 84 31.55 7.73 -14.21
C ILE B 84 30.36 8.65 -14.31
N VAL B 85 29.26 8.13 -14.75
CA VAL B 85 28.00 8.93 -14.77
C VAL B 85 26.97 7.78 -14.56
N VAL B 86 26.16 8.16 -13.60
CA VAL B 86 25.08 7.35 -13.06
C VAL B 86 23.75 7.94 -13.36
N THR B 87 22.88 7.38 -14.10
CA THR B 87 21.58 7.81 -14.46
C THR B 87 20.57 6.95 -13.70
N SER B 88 19.32 7.33 -13.81
CA SER B 88 18.26 6.49 -13.17
C SER B 88 17.03 6.68 -14.06
N GLU B 89 16.20 5.70 -14.25
CA GLU B 89 14.97 5.86 -15.09
C GLU B 89 13.86 5.12 -14.36
N LEU B 90 12.71 5.72 -14.11
CA LEU B 90 11.60 5.06 -13.37
C LEU B 90 10.97 3.95 -14.30
N VAL B 91 10.59 2.87 -13.66
CA VAL B 91 10.03 1.74 -14.41
C VAL B 91 8.51 1.84 -14.46
N MET B 92 8.07 2.87 -15.03
CA MET B 92 6.75 3.40 -15.24
C MET B 92 6.62 3.52 -16.75
N PRO B 93 5.44 3.11 -17.16
CA PRO B 93 5.12 3.14 -18.59
C PRO B 93 5.30 4.53 -19.11
N PHE B 94 5.38 5.56 -18.26
CA PHE B 94 5.46 6.91 -18.97
C PHE B 94 6.84 7.07 -19.51
N THR B 95 7.77 6.71 -18.71
CA THR B 95 9.19 6.80 -19.00
C THR B 95 9.79 5.63 -19.69
N VAL B 96 8.99 4.56 -19.91
CA VAL B 96 9.81 3.38 -20.44
C VAL B 96 10.13 3.58 -21.86
N GLY B 97 9.25 4.14 -22.60
CA GLY B 97 9.51 4.37 -24.10
C GLY B 97 8.44 5.38 -24.50
N THR B 98 8.40 5.85 -25.70
CA THR B 98 7.45 6.84 -26.18
C THR B 98 6.13 6.27 -26.64
N TRP B 99 6.24 5.02 -27.07
CA TRP B 99 4.98 4.41 -27.63
C TRP B 99 4.15 4.04 -26.42
N LEU B 100 4.90 3.33 -25.54
CA LEU B 100 4.17 2.83 -24.35
C LEU B 100 3.47 4.04 -23.79
N ARG B 101 4.20 5.12 -23.81
CA ARG B 101 3.60 6.36 -23.27
C ARG B 101 2.31 6.69 -23.98
N GLY B 102 2.39 7.05 -25.24
CA GLY B 102 1.22 7.34 -26.02
C GLY B 102 0.23 6.20 -25.92
N VAL B 103 0.59 4.95 -25.60
CA VAL B 103 -0.55 3.98 -25.57
C VAL B 103 -1.13 3.93 -24.14
N ALA B 104 -0.30 3.48 -23.23
CA ALA B 104 -0.67 3.30 -21.82
C ALA B 104 -1.58 4.43 -21.32
N GLN B 105 -1.18 5.58 -21.78
CA GLN B 105 -1.83 6.88 -21.54
C GLN B 105 -3.35 6.83 -21.48
N ASN B 106 -4.01 6.01 -22.29
CA ASN B 106 -5.49 5.98 -22.30
C ASN B 106 -6.05 4.95 -21.35
N TRP B 107 -5.27 4.56 -20.40
CA TRP B 107 -5.68 3.61 -19.35
C TRP B 107 -5.40 4.28 -18.00
N SER B 108 -6.23 4.04 -17.00
CA SER B 108 -5.99 4.68 -15.70
C SER B 108 -5.00 3.88 -14.91
N LYS B 109 -5.26 2.62 -14.72
CA LYS B 109 -4.23 1.86 -13.87
C LYS B 109 -3.44 0.96 -14.78
N TYR B 110 -2.55 0.15 -14.31
CA TYR B 110 -1.76 -0.78 -15.11
C TYR B 110 -1.01 -1.72 -14.16
N ALA B 111 -0.42 -2.72 -14.74
CA ALA B 111 0.37 -3.73 -13.94
C ALA B 111 1.37 -4.35 -14.88
N TRP B 112 2.60 -4.43 -14.33
CA TRP B 112 3.72 -5.02 -15.18
C TRP B 112 3.61 -6.52 -15.23
N VAL B 113 3.41 -7.13 -16.38
CA VAL B 113 3.37 -8.65 -16.27
C VAL B 113 4.85 -9.00 -16.36
N ALA B 114 5.45 -8.36 -17.34
CA ALA B 114 6.91 -8.59 -17.42
C ALA B 114 7.57 -7.35 -17.97
N ILE B 115 8.75 -7.08 -17.45
CA ILE B 115 9.47 -5.92 -18.01
C ILE B 115 10.97 -6.18 -17.99
N ARG B 116 11.60 -5.85 -19.11
CA ARG B 116 13.04 -6.08 -19.24
C ARG B 116 13.82 -5.11 -20.03
N TYR B 117 14.97 -4.70 -19.51
CA TYR B 117 15.82 -3.73 -20.27
C TYR B 117 16.95 -4.55 -20.86
N THR B 118 17.31 -4.28 -22.05
CA THR B 118 18.38 -5.04 -22.74
C THR B 118 19.22 -4.02 -23.45
N TYR B 119 20.45 -4.31 -23.72
CA TYR B 119 21.29 -3.31 -24.40
C TYR B 119 21.69 -3.78 -25.75
N LEU B 120 22.05 -2.98 -26.69
CA LEU B 120 22.54 -3.57 -27.99
C LEU B 120 23.68 -2.63 -28.37
N PRO B 121 24.81 -3.24 -28.61
CA PRO B 121 26.01 -2.44 -28.94
C PRO B 121 25.78 -1.89 -30.35
N SER B 122 26.41 -0.75 -30.46
CA SER B 122 26.44 0.02 -31.67
C SER B 122 27.78 0.68 -31.88
N CYS B 123 28.81 0.41 -31.16
CA CYS B 123 30.14 1.08 -31.42
C CYS B 123 31.14 0.08 -31.89
N PRO B 124 32.35 0.47 -32.13
CA PRO B 124 33.46 -0.37 -32.58
C PRO B 124 33.97 -1.28 -31.50
N THR B 125 34.55 -2.40 -31.96
CA THR B 125 35.14 -3.34 -31.03
C THR B 125 36.26 -2.64 -30.28
N THR B 126 36.53 -1.37 -30.46
CA THR B 126 37.69 -0.77 -29.73
C THR B 126 37.27 0.31 -28.78
N THR B 127 35.99 0.62 -28.77
CA THR B 127 35.42 1.59 -27.83
C THR B 127 35.73 1.11 -26.44
N SER B 128 36.37 1.81 -25.58
CA SER B 128 36.63 1.07 -24.26
C SER B 128 35.63 1.45 -23.25
N GLY B 129 35.10 0.60 -22.39
CA GLY B 129 34.10 1.03 -21.37
C GLY B 129 33.20 -0.08 -20.89
N ALA B 130 32.26 0.25 -20.02
CA ALA B 130 31.29 -0.64 -19.43
C ALA B 130 29.97 -0.04 -19.02
N ILE B 131 29.03 -1.01 -18.97
CA ILE B 131 27.65 -0.61 -18.51
C ILE B 131 27.31 -1.39 -17.24
N HIS B 132 26.57 -0.77 -16.34
CA HIS B 132 26.20 -1.45 -15.11
C HIS B 132 24.74 -1.08 -14.83
N MET B 133 23.91 -2.07 -14.61
CA MET B 133 22.49 -1.66 -14.31
C MET B 133 22.19 -2.44 -13.04
N GLY B 134 21.20 -1.96 -12.32
CA GLY B 134 20.72 -2.48 -11.05
C GLY B 134 19.39 -1.81 -10.70
N PHE B 135 18.69 -2.34 -9.71
CA PHE B 135 17.39 -1.78 -9.30
C PHE B 135 17.25 -1.37 -7.83
N GLN B 136 16.58 -0.27 -7.71
CA GLN B 136 16.23 0.34 -6.42
C GLN B 136 14.70 0.30 -6.29
N TYR B 137 14.26 0.19 -5.03
CA TYR B 137 12.79 0.13 -4.87
C TYR B 137 12.19 1.03 -3.83
N ASP B 138 12.75 2.02 -3.22
CA ASP B 138 11.91 2.82 -2.18
C ASP B 138 12.50 4.16 -2.61
N MET B 139 11.67 4.93 -3.23
CA MET B 139 12.26 6.19 -3.76
C MET B 139 12.95 7.02 -2.72
N ALA B 140 12.75 6.80 -1.46
CA ALA B 140 13.50 7.61 -0.47
C ALA B 140 15.00 7.30 -0.49
N ASP B 141 15.29 6.13 -1.02
CA ASP B 141 16.70 5.58 -1.08
C ASP B 141 17.57 6.50 -1.90
N THR B 142 18.87 6.40 -1.87
CA THR B 142 19.84 7.25 -2.56
C THR B 142 20.56 6.64 -3.72
N LEU B 143 20.60 7.32 -4.85
CA LEU B 143 21.31 6.70 -6.00
C LEU B 143 22.74 6.48 -5.58
N PRO B 144 23.17 5.30 -5.88
CA PRO B 144 24.56 4.89 -5.58
C PRO B 144 25.42 5.94 -6.22
N VAL B 145 26.47 6.28 -5.57
CA VAL B 145 27.46 7.24 -5.91
C VAL B 145 28.50 6.66 -6.88
N SER B 146 29.00 5.54 -6.52
CA SER B 146 29.94 4.62 -7.00
C SER B 146 29.33 3.42 -7.70
N VAL B 147 30.09 2.58 -8.33
CA VAL B 147 29.73 1.39 -9.07
C VAL B 147 29.64 0.23 -8.08
N ASN B 148 30.58 0.40 -7.19
CA ASN B 148 30.79 -0.36 -6.01
C ASN B 148 29.42 -0.62 -5.37
N GLN B 149 28.79 0.50 -4.95
CA GLN B 149 27.50 0.36 -4.28
C GLN B 149 26.51 -0.29 -5.24
N LEU B 150 26.76 0.10 -6.47
CA LEU B 150 25.80 -0.43 -7.50
C LEU B 150 25.98 -1.91 -7.74
N SER B 151 27.10 -2.47 -7.45
CA SER B 151 27.28 -3.91 -7.78
C SER B 151 26.57 -4.75 -6.77
N ASN B 152 25.96 -4.05 -5.82
CA ASN B 152 25.26 -4.81 -4.77
C ASN B 152 23.74 -4.76 -4.98
N LEU B 153 23.17 -4.20 -5.99
CA LEU B 153 21.71 -4.14 -6.12
C LEU B 153 21.08 -5.34 -6.77
N LYS B 154 19.79 -5.48 -6.60
CA LYS B 154 19.04 -6.62 -7.17
C LYS B 154 19.24 -6.56 -8.67
N GLY B 155 19.84 -7.56 -9.27
CA GLY B 155 19.96 -7.50 -10.71
C GLY B 155 21.14 -6.95 -11.37
N TYR B 156 22.22 -6.66 -10.69
CA TYR B 156 23.49 -6.18 -11.16
C TYR B 156 24.01 -6.96 -12.37
N VAL B 157 24.54 -6.20 -13.29
CA VAL B 157 25.05 -6.71 -14.55
C VAL B 157 26.06 -5.85 -15.26
N THR B 158 27.19 -6.26 -15.76
CA THR B 158 28.08 -5.36 -16.44
C THR B 158 28.59 -6.06 -17.70
N GLY B 159 29.05 -5.23 -18.59
CA GLY B 159 29.61 -5.75 -19.86
C GLY B 159 30.28 -4.61 -20.62
N PRO B 160 31.27 -4.96 -21.42
CA PRO B 160 31.98 -3.98 -22.25
C PRO B 160 30.96 -3.36 -23.21
N VAL B 161 31.01 -2.04 -23.37
CA VAL B 161 30.07 -1.31 -24.21
C VAL B 161 29.84 -1.82 -25.62
N TRP B 162 30.63 -2.67 -26.17
CA TRP B 162 30.55 -3.21 -27.50
C TRP B 162 29.98 -4.61 -27.63
N GLU B 163 29.79 -5.24 -26.53
CA GLU B 163 29.24 -6.60 -26.45
C GLU B 163 27.76 -6.47 -26.24
N GLY B 164 27.02 -7.56 -26.34
CA GLY B 164 25.59 -7.48 -26.02
C GLY B 164 24.60 -7.87 -27.06
N GLN B 165 25.16 -8.16 -28.22
CA GLN B 165 24.23 -8.54 -29.27
C GLN B 165 23.80 -9.97 -29.27
N SER B 166 23.71 -10.56 -28.12
CA SER B 166 23.25 -12.00 -28.14
C SER B 166 21.86 -11.88 -27.52
N GLY B 167 21.69 -10.61 -27.16
CA GLY B 167 20.48 -10.15 -26.50
C GLY B 167 19.49 -9.74 -27.57
N LEU B 168 20.12 -9.56 -28.75
CA LEU B 168 19.17 -9.11 -29.83
C LEU B 168 17.97 -10.02 -29.85
N CYS B 169 18.07 -11.21 -29.34
CA CYS B 169 16.87 -12.11 -29.45
C CYS B 169 15.77 -11.53 -28.62
N PHE B 170 15.98 -10.84 -27.55
CA PHE B 170 14.92 -10.25 -26.73
C PHE B 170 14.17 -9.11 -27.41
N VAL B 171 14.76 -8.43 -28.32
CA VAL B 171 14.15 -7.34 -29.06
C VAL B 171 13.42 -7.95 -30.24
N ASN B 172 13.92 -9.12 -30.56
CA ASN B 172 13.51 -9.99 -31.61
C ASN B 172 12.30 -10.87 -31.37
N ASN B 173 12.61 -11.78 -30.51
CA ASN B 173 11.86 -12.87 -29.93
C ASN B 173 12.20 -14.07 -30.88
N THR B 174 13.17 -14.69 -30.27
CA THR B 174 13.85 -15.90 -30.62
C THR B 174 13.76 -16.52 -29.18
N LYS B 175 14.69 -17.37 -28.98
CA LYS B 175 14.69 -18.00 -27.60
C LYS B 175 16.18 -17.97 -27.31
N CYS B 176 16.61 -16.83 -26.72
CA CYS B 176 18.06 -16.80 -26.51
C CYS B 176 18.63 -18.07 -25.85
N PRO B 177 19.23 -18.86 -26.73
CA PRO B 177 19.91 -20.07 -26.24
C PRO B 177 21.02 -19.59 -25.30
N ASP B 178 21.75 -18.58 -25.77
CA ASP B 178 22.87 -17.97 -25.09
C ASP B 178 22.50 -16.88 -24.13
N THR B 179 21.72 -17.00 -23.10
CA THR B 179 21.50 -15.74 -22.31
C THR B 179 22.72 -15.40 -21.51
N SER B 180 23.72 -16.23 -21.63
CA SER B 180 25.00 -16.12 -20.96
C SER B 180 25.74 -14.85 -21.30
N ARG B 181 25.24 -14.10 -22.26
CA ARG B 181 26.09 -12.90 -22.59
C ARG B 181 25.32 -11.84 -23.31
N ALA B 182 24.14 -11.71 -22.76
CA ALA B 182 23.10 -10.79 -23.09
C ALA B 182 23.30 -9.76 -21.98
N ILE B 183 23.43 -8.52 -22.35
CA ILE B 183 23.53 -7.61 -21.16
C ILE B 183 22.07 -7.25 -20.92
N THR B 184 21.37 -7.93 -20.06
CA THR B 184 19.94 -7.60 -19.87
C THR B 184 19.63 -7.57 -18.41
N ILE B 185 18.49 -7.13 -17.98
CA ILE B 185 17.98 -7.01 -16.65
C ILE B 185 16.47 -7.02 -16.67
N ALA B 186 15.91 -7.87 -15.81
CA ALA B 186 14.42 -8.01 -15.77
C ALA B 186 13.95 -7.95 -14.34
N LEU B 187 12.88 -7.25 -14.08
CA LEU B 187 12.23 -6.96 -12.86
C LEU B 187 11.61 -8.11 -12.07
N ASP B 188 11.77 -8.04 -10.75
CA ASP B 188 11.18 -9.12 -9.92
C ASP B 188 9.74 -8.77 -9.60
N THR B 189 8.90 -8.87 -10.58
CA THR B 189 7.46 -8.53 -10.42
C THR B 189 6.76 -9.18 -9.25
N ASN B 190 7.25 -10.22 -8.65
CA ASN B 190 6.56 -10.84 -7.48
C ASN B 190 6.58 -9.82 -6.33
N GLU B 191 7.78 -9.48 -6.01
CA GLU B 191 8.23 -8.59 -5.00
C GLU B 191 7.84 -7.16 -5.14
N VAL B 192 6.99 -6.87 -6.10
CA VAL B 192 6.51 -5.49 -6.29
C VAL B 192 5.64 -5.18 -5.08
N SER B 193 5.62 -3.93 -4.66
CA SER B 193 4.78 -3.63 -3.48
C SER B 193 3.30 -3.48 -3.69
N GLU B 194 2.89 -2.91 -4.81
CA GLU B 194 1.42 -2.71 -5.03
C GLU B 194 0.92 -3.63 -6.13
N LYS B 195 -0.27 -4.15 -5.82
CA LYS B 195 -1.00 -5.04 -6.70
C LYS B 195 -1.06 -4.33 -8.05
N ARG B 196 -1.39 -3.06 -8.07
CA ARG B 196 -1.49 -2.27 -9.31
C ARG B 196 -0.92 -0.88 -9.11
N TYR B 197 -0.64 -0.30 -10.24
CA TYR B 197 -0.06 1.07 -10.22
C TYR B 197 -0.84 2.00 -11.16
N PRO B 198 -1.02 3.25 -10.69
CA PRO B 198 -1.71 4.33 -11.39
C PRO B 198 -0.83 4.86 -12.46
N PHE B 199 -1.34 5.40 -13.53
CA PHE B 199 -0.42 5.91 -14.57
C PHE B 199 -0.04 7.36 -14.20
N LYS B 200 1.23 7.50 -13.80
CA LYS B 200 1.64 8.92 -13.51
C LYS B 200 2.35 9.48 -14.73
N THR B 201 2.34 10.76 -14.89
CA THR B 201 2.99 11.57 -15.94
C THR B 201 4.28 12.01 -15.26
N ALA B 202 5.30 12.30 -16.01
CA ALA B 202 6.60 12.60 -15.30
C ALA B 202 6.54 13.74 -14.29
N THR B 203 5.79 14.69 -14.69
CA THR B 203 5.54 15.93 -13.99
C THR B 203 4.84 15.72 -12.67
N ASP B 204 3.61 15.22 -12.86
CA ASP B 204 2.82 14.97 -11.65
C ASP B 204 3.74 14.19 -10.65
N TYR B 205 4.29 13.12 -11.25
CA TYR B 205 5.13 12.27 -10.40
C TYR B 205 6.09 13.14 -9.60
N ALA B 206 6.87 13.83 -10.41
CA ALA B 206 7.90 14.74 -9.86
C ALA B 206 7.36 15.59 -8.74
N THR B 207 6.52 16.52 -9.01
CA THR B 207 5.85 17.40 -8.05
C THR B 207 5.45 16.70 -6.77
N ALA B 208 4.90 15.51 -7.04
CA ALA B 208 4.43 14.61 -5.95
C ALA B 208 5.60 14.28 -5.03
N VAL B 209 6.60 13.75 -5.66
CA VAL B 209 7.82 13.34 -4.86
C VAL B 209 8.28 14.52 -4.03
N GLY B 210 8.54 15.65 -4.66
CA GLY B 210 8.94 16.91 -4.15
C GLY B 210 8.41 17.33 -2.80
N VAL B 211 7.30 16.74 -2.40
CA VAL B 211 6.58 16.84 -1.18
C VAL B 211 7.30 15.88 -0.22
N ASN B 212 7.29 14.58 -0.49
CA ASN B 212 8.04 13.66 0.46
C ASN B 212 8.27 12.37 -0.31
N ALA B 213 9.46 12.21 -0.86
CA ALA B 213 9.70 10.99 -1.68
C ALA B 213 8.84 9.78 -1.28
N ASN B 214 8.78 9.47 0.01
CA ASN B 214 7.97 8.29 0.39
C ASN B 214 6.76 8.21 -0.49
N ILE B 215 6.09 9.23 -0.92
CA ILE B 215 4.96 9.10 -1.83
C ILE B 215 5.28 8.39 -3.12
N GLY B 216 6.47 8.49 -3.67
CA GLY B 216 6.77 7.80 -4.95
C GLY B 216 6.54 6.29 -4.71
N ASN B 217 6.90 5.85 -3.49
CA ASN B 217 6.67 4.41 -3.16
C ASN B 217 5.32 3.95 -3.65
N ILE B 218 4.20 4.62 -3.63
CA ILE B 218 2.99 4.05 -4.17
C ILE B 218 2.89 4.49 -5.65
N LEU B 219 3.74 5.36 -6.10
CA LEU B 219 3.50 5.68 -7.55
C LEU B 219 4.21 4.75 -8.48
N VAL B 220 5.14 3.96 -8.07
CA VAL B 220 5.96 3.07 -8.85
C VAL B 220 6.65 1.87 -8.24
N PRO B 221 6.76 0.82 -9.04
CA PRO B 221 7.37 -0.43 -8.61
C PRO B 221 8.83 -0.39 -8.25
N ALA B 222 9.62 0.21 -9.12
CA ALA B 222 11.10 0.24 -8.90
C ALA B 222 11.79 1.23 -9.78
N ARG B 223 13.04 1.58 -9.50
CA ARG B 223 13.79 2.54 -10.39
C ARG B 223 15.06 1.80 -10.83
N LEU B 224 15.42 1.90 -12.06
CA LEU B 224 16.56 1.24 -12.66
C LEU B 224 17.76 2.13 -12.51
N VAL B 225 18.91 1.70 -12.22
CA VAL B 225 20.09 2.62 -12.09
C VAL B 225 21.12 2.24 -13.12
N THR B 226 21.46 3.17 -14.01
CA THR B 226 22.46 2.76 -15.05
C THR B 226 23.70 3.57 -14.89
N ALA B 227 24.83 2.91 -14.78
CA ALA B 227 26.15 3.50 -14.60
C ALA B 227 27.00 3.37 -15.83
N MET B 228 27.61 4.42 -16.30
CA MET B 228 28.46 4.32 -17.56
C MET B 228 29.82 4.82 -17.28
N GLU B 229 30.73 4.04 -16.84
CA GLU B 229 32.09 4.24 -16.51
C GLU B 229 32.92 3.69 -17.65
N GLY B 230 34.15 4.04 -17.92
CA GLY B 230 34.72 3.23 -19.07
C GLY B 230 35.89 3.89 -19.71
N GLY B 231 35.66 4.86 -20.53
CA GLY B 231 36.33 5.71 -21.29
C GLY B 231 37.64 6.13 -21.75
N SER B 232 37.59 6.86 -22.87
CA SER B 232 38.75 7.45 -23.52
C SER B 232 38.58 8.95 -23.66
N SER B 233 37.42 9.41 -24.08
CA SER B 233 37.23 10.86 -24.29
C SER B 233 36.44 11.46 -23.14
N LYS B 234 36.72 12.72 -22.95
CA LYS B 234 36.03 13.50 -21.90
C LYS B 234 34.71 13.90 -22.57
N THR B 235 34.73 13.65 -23.84
CA THR B 235 33.73 13.83 -24.85
C THR B 235 32.86 12.62 -24.87
N ALA B 236 31.59 12.68 -24.60
CA ALA B 236 30.80 11.43 -24.65
C ALA B 236 30.90 10.82 -26.06
N VAL B 237 31.14 9.55 -26.11
CA VAL B 237 31.19 8.70 -27.25
C VAL B 237 29.90 7.81 -27.23
N ASN B 238 29.01 7.84 -28.15
CA ASN B 238 27.84 6.98 -28.08
C ASN B 238 28.17 5.49 -28.07
N THR B 239 27.78 4.63 -27.19
CA THR B 239 28.18 3.21 -27.37
C THR B 239 27.05 2.29 -27.77
N GLY B 240 25.91 2.51 -27.08
CA GLY B 240 24.75 1.69 -27.34
C GLY B 240 23.40 2.31 -27.11
N ARG B 241 22.51 1.29 -27.05
CA ARG B 241 21.08 1.67 -26.82
C ARG B 241 20.45 0.61 -25.94
N LEU B 242 19.58 1.09 -25.07
CA LEU B 242 18.85 0.27 -24.13
C LEU B 242 17.43 0.03 -24.60
N TYR B 243 17.01 -1.16 -24.92
CA TYR B 243 15.60 -1.36 -25.34
C TYR B 243 14.75 -2.02 -24.26
N ALA B 244 13.47 -1.76 -24.25
CA ALA B 244 12.53 -2.31 -23.28
C ALA B 244 11.62 -3.34 -23.98
N SER B 245 11.30 -4.35 -23.25
CA SER B 245 10.46 -5.49 -23.62
C SER B 245 9.43 -5.73 -22.56
N TYR B 246 8.19 -5.33 -22.78
CA TYR B 246 7.24 -5.50 -21.70
C TYR B 246 5.98 -6.19 -22.09
N THR B 247 5.35 -6.64 -20.98
CA THR B 247 4.04 -7.23 -21.23
C THR B 247 3.17 -6.58 -20.14
N ILE B 248 2.67 -5.44 -20.55
CA ILE B 248 1.84 -4.61 -19.68
C ILE B 248 0.43 -5.12 -19.57
N ARG B 249 -0.16 -4.80 -18.42
CA ARG B 249 -1.56 -5.22 -18.20
C ARG B 249 -2.40 -3.97 -18.16
N LEU B 250 -2.86 -3.49 -19.30
CA LEU B 250 -3.63 -2.24 -19.37
C LEU B 250 -4.97 -2.34 -18.67
N ILE B 251 -5.21 -1.25 -17.87
CA ILE B 251 -6.47 -1.44 -17.11
C ILE B 251 -7.65 -0.60 -16.98
N GLU B 252 -7.99 0.58 -16.88
CA GLU B 252 -9.53 0.94 -16.75
C GLU B 252 -9.34 2.29 -17.48
N PRO B 253 -9.95 2.26 -18.66
CA PRO B 253 -9.86 3.35 -19.60
C PRO B 253 -10.22 4.66 -18.90
N ILE B 254 -9.64 5.65 -19.52
CA ILE B 254 -9.73 7.06 -19.24
C ILE B 254 -9.26 7.71 -20.55
N ALA B 255 -9.73 8.86 -20.84
CA ALA B 255 -9.42 9.74 -21.95
C ALA B 255 -8.09 10.39 -21.71
N ALA B 256 -7.04 10.14 -22.43
CA ALA B 256 -5.69 10.60 -22.28
C ALA B 256 -5.47 11.90 -21.52
N ALA B 257 -6.13 12.83 -22.19
CA ALA B 257 -6.13 14.23 -21.80
C ALA B 257 -6.34 14.41 -20.32
N LEU B 258 -7.20 13.62 -19.76
CA LEU B 258 -7.53 13.64 -18.35
C LEU B 258 -6.50 12.96 -17.46
N ASN B 259 -5.41 12.38 -17.92
CA ASN B 259 -4.52 11.69 -16.98
C ASN B 259 -3.31 12.33 -16.34
N LEU B 260 -3.05 12.08 -15.07
CA LEU B 260 -1.77 12.69 -14.54
C LEU B 260 -0.95 11.60 -13.84
N GLN C 39 -8.42 -32.23 41.68
CA GLN C 39 -7.61 -30.94 41.69
C GLN C 39 -8.12 -29.99 40.62
N ALA C 40 -9.16 -29.24 40.94
CA ALA C 40 -9.72 -28.34 39.90
C ALA C 40 -10.34 -27.16 40.59
N GLY C 41 -10.03 -26.02 40.07
CA GLY C 41 -10.58 -24.74 40.62
C GLY C 41 -9.84 -24.46 41.94
N VAL C 42 -8.54 -24.74 41.83
CA VAL C 42 -7.72 -24.52 43.04
C VAL C 42 -6.43 -23.92 42.59
N SER C 43 -6.14 -22.72 43.00
CA SER C 43 -4.93 -21.98 42.68
C SER C 43 -4.10 -21.92 43.96
N MET C 44 -2.90 -21.54 43.85
CA MET C 44 -1.90 -21.32 44.92
C MET C 44 -1.13 -20.05 44.52
N ALA C 45 -1.42 -18.96 45.19
CA ALA C 45 -0.85 -17.67 44.97
C ALA C 45 0.57 -17.59 45.50
N PRO C 46 1.45 -17.46 44.53
CA PRO C 46 2.87 -17.32 44.81
C PRO C 46 3.07 -15.87 45.20
N ILE C 47 4.26 -15.59 45.66
CA ILE C 47 4.61 -14.28 46.10
C ILE C 47 5.40 -13.59 45.01
N ALA C 48 5.82 -14.39 44.08
CA ALA C 48 6.67 -13.86 43.01
C ALA C 48 6.71 -14.91 41.92
N GLN C 49 6.76 -14.41 40.69
CA GLN C 49 6.84 -15.38 39.56
C GLN C 49 8.27 -15.36 39.06
N GLY C 50 9.04 -16.40 39.12
CA GLY C 50 10.45 -16.31 38.63
C GLY C 50 10.50 -16.81 37.18
N THR C 51 11.33 -16.24 36.35
CA THR C 51 11.54 -16.60 34.95
C THR C 51 12.96 -16.28 34.52
N MET C 52 13.66 -17.26 33.97
CA MET C 52 15.05 -16.99 33.56
C MET C 52 15.13 -17.07 32.03
N VAL C 53 15.25 -15.95 31.40
CA VAL C 53 15.41 -15.86 29.97
C VAL C 53 16.83 -16.15 29.50
N LYS C 54 17.03 -16.98 28.54
CA LYS C 54 18.44 -17.21 28.02
C LYS C 54 18.19 -17.28 26.52
N LEU C 55 18.35 -16.14 25.88
CA LEU C 55 18.11 -15.97 24.47
C LEU C 55 18.95 -16.84 23.57
N ARG C 56 18.28 -17.20 22.51
CA ARG C 56 18.87 -18.01 21.46
C ARG C 56 19.51 -17.22 20.37
N PRO C 57 20.62 -17.68 19.83
CA PRO C 57 21.38 -17.03 18.74
C PRO C 57 20.52 -16.79 17.54
N PRO C 58 20.78 -15.71 16.83
CA PRO C 58 19.96 -15.36 15.68
C PRO C 58 20.11 -16.45 14.64
N MET C 59 19.05 -16.58 13.88
CA MET C 59 19.04 -17.54 12.84
C MET C 59 18.74 -16.85 11.49
N LEU C 60 19.74 -17.04 10.67
CA LEU C 60 19.72 -16.48 9.32
C LEU C 60 19.84 -17.54 8.26
N ARG C 61 19.06 -17.45 7.23
CA ARG C 61 19.19 -18.49 6.15
C ARG C 61 18.50 -17.90 4.93
N SER C 62 19.31 -17.86 3.94
CA SER C 62 19.21 -17.35 2.61
C SER C 62 18.67 -18.29 1.59
N SER C 63 17.59 -18.06 0.88
CA SER C 63 17.20 -19.07 -0.19
C SER C 63 17.80 -18.46 -1.44
N MET C 64 17.18 -18.15 -2.51
CA MET C 64 18.12 -17.51 -3.53
C MET C 64 18.09 -15.99 -3.21
N ASP C 65 17.03 -15.29 -3.57
CA ASP C 65 17.00 -13.85 -3.33
C ASP C 65 16.42 -13.54 -1.95
N VAL C 66 15.66 -14.47 -1.41
CA VAL C 66 15.14 -14.00 -0.08
C VAL C 66 16.07 -14.50 1.01
N THR C 67 16.13 -13.68 2.03
CA THR C 67 16.92 -14.05 3.21
C THR C 67 15.83 -14.12 4.30
N ILE C 68 15.94 -15.08 5.19
CA ILE C 68 14.94 -15.16 6.25
C ILE C 68 15.60 -14.95 7.62
N LEU C 69 15.14 -14.07 8.43
CA LEU C 69 15.80 -13.93 9.74
C LEU C 69 14.75 -14.13 10.82
N SER C 70 15.19 -14.85 11.81
CA SER C 70 14.34 -15.15 12.97
C SER C 70 15.17 -14.94 14.24
N HIS C 71 14.58 -14.05 15.04
CA HIS C 71 15.27 -13.72 16.31
C HIS C 71 14.29 -13.18 17.31
N CYS C 72 14.85 -12.83 18.45
CA CYS C 72 14.02 -12.22 19.52
C CYS C 72 14.91 -11.24 20.31
N GLU C 73 14.43 -10.03 20.45
CA GLU C 73 15.34 -9.13 21.27
C GLU C 73 14.40 -8.52 22.28
N LEU C 74 14.95 -7.82 23.24
CA LEU C 74 14.09 -7.23 24.30
C LEU C 74 13.63 -5.92 23.71
N SER C 75 12.42 -5.53 23.93
CA SER C 75 11.92 -4.30 23.37
C SER C 75 11.75 -3.08 24.22
N THR C 76 11.13 -3.21 25.36
CA THR C 76 10.85 -2.08 26.21
C THR C 76 10.85 -2.34 27.67
N GLU C 77 10.89 -1.36 28.56
CA GLU C 77 10.74 -1.81 29.99
C GLU C 77 9.46 -1.08 30.43
N LEU C 78 8.67 -1.74 31.22
CA LEU C 78 7.40 -1.08 31.63
C LEU C 78 7.30 -0.77 33.08
N ALA C 79 6.55 0.27 33.41
CA ALA C 79 6.36 0.65 34.85
C ALA C 79 4.98 1.28 34.97
N VAL C 80 4.34 1.02 36.10
CA VAL C 80 3.00 1.47 36.39
C VAL C 80 2.91 2.70 37.29
N THR C 81 1.77 3.31 37.16
CA THR C 81 1.46 4.52 37.94
C THR C 81 0.05 4.48 38.38
N VAL C 82 -0.32 5.23 39.36
CA VAL C 82 -1.58 5.50 39.96
C VAL C 82 -2.65 5.67 38.86
N THR C 83 -2.15 6.14 37.71
CA THR C 83 -3.04 6.44 36.60
C THR C 83 -2.79 5.81 35.24
N ILE C 84 -3.75 5.94 34.30
CA ILE C 84 -3.52 5.32 33.01
C ILE C 84 -2.30 5.91 32.27
N VAL C 85 -1.71 5.12 31.38
CA VAL C 85 -0.58 5.69 30.63
C VAL C 85 -0.39 4.92 29.30
N VAL C 86 -0.78 5.65 28.25
CA VAL C 86 -0.66 4.99 26.99
C VAL C 86 0.55 5.39 26.18
N THR C 87 1.43 4.51 25.98
CA THR C 87 2.65 4.55 25.20
C THR C 87 2.38 3.84 23.91
N SER C 88 3.19 3.88 22.86
CA SER C 88 2.85 3.08 21.63
C SER C 88 4.11 2.91 20.79
N GLU C 89 4.12 1.85 20.04
CA GLU C 89 5.22 1.46 19.21
C GLU C 89 5.04 1.08 17.77
N LEU C 90 5.83 1.59 16.87
CA LEU C 90 5.75 1.24 15.48
C LEU C 90 6.14 -0.16 15.10
N VAL C 91 5.35 -1.09 14.61
CA VAL C 91 5.97 -2.42 14.28
C VAL C 91 6.71 -2.47 12.98
N MET C 92 7.75 -1.69 12.87
CA MET C 92 8.67 -1.61 11.67
C MET C 92 10.00 -2.12 12.19
N PRO C 93 10.81 -2.69 11.36
CA PRO C 93 12.07 -3.29 11.76
C PRO C 93 13.07 -2.40 12.41
N PHE C 94 13.01 -1.12 12.19
CA PHE C 94 14.08 -0.29 12.79
C PHE C 94 13.87 -0.10 14.26
N THR C 95 12.58 -0.01 14.37
CA THR C 95 11.95 0.21 15.66
C THR C 95 11.83 -1.03 16.47
N VAL C 96 11.81 -2.21 15.88
CA VAL C 96 11.59 -3.38 16.71
C VAL C 96 12.79 -3.81 17.48
N GLY C 97 13.93 -3.77 16.87
CA GLY C 97 15.12 -4.24 17.63
C GLY C 97 16.36 -3.49 17.28
N THR C 98 17.22 -3.45 18.26
CA THR C 98 18.54 -2.80 18.19
C THR C 98 19.45 -3.55 17.24
N TRP C 99 19.16 -4.83 17.14
CA TRP C 99 20.01 -5.65 16.25
C TRP C 99 19.35 -5.58 14.88
N LEU C 100 18.10 -6.05 14.99
CA LEU C 100 17.33 -6.07 13.75
C LEU C 100 17.70 -4.91 12.84
N ARG C 101 17.43 -3.73 13.29
CA ARG C 101 17.65 -2.52 12.51
C ARG C 101 18.99 -2.44 11.78
N GLY C 102 20.04 -2.86 12.46
CA GLY C 102 21.37 -2.84 11.93
C GLY C 102 21.55 -3.85 10.79
N VAL C 103 20.86 -4.98 10.82
CA VAL C 103 21.05 -5.96 9.74
C VAL C 103 20.08 -5.74 8.59
N ALA C 104 18.83 -5.73 9.02
CA ALA C 104 17.66 -5.57 8.14
C ALA C 104 17.79 -4.41 7.18
N GLN C 105 18.68 -3.52 7.60
CA GLN C 105 18.99 -2.29 6.86
C GLN C 105 19.80 -2.51 5.60
N ASN C 106 20.39 -3.70 5.49
CA ASN C 106 21.21 -4.00 4.30
C ASN C 106 20.34 -4.44 3.13
N TRP C 107 19.04 -4.46 3.39
CA TRP C 107 18.09 -4.91 2.37
C TRP C 107 16.98 -3.99 2.02
N SER C 108 16.57 -3.82 0.79
CA SER C 108 15.50 -2.86 0.46
C SER C 108 14.15 -3.00 1.06
N LYS C 109 13.50 -4.13 0.99
CA LYS C 109 12.12 -4.18 1.57
C LYS C 109 11.94 -5.54 2.22
N TYR C 110 11.20 -5.66 3.25
CA TYR C 110 10.92 -6.84 3.97
C TYR C 110 9.42 -7.10 3.95
N ALA C 111 9.16 -8.19 4.66
CA ALA C 111 7.78 -8.61 4.92
C ALA C 111 7.79 -9.33 6.28
N TRP C 112 6.88 -9.02 7.17
CA TRP C 112 6.83 -9.75 8.44
C TRP C 112 6.29 -11.14 8.21
N VAL C 113 6.62 -12.13 8.97
CA VAL C 113 6.14 -13.50 8.81
C VAL C 113 5.51 -13.89 10.13
N ALA C 114 6.06 -13.20 11.13
CA ALA C 114 5.69 -13.28 12.51
C ALA C 114 6.32 -12.23 13.41
N ILE C 115 5.53 -11.68 14.29
CA ILE C 115 6.00 -10.70 15.24
C ILE C 115 5.09 -10.86 16.43
N ARG C 116 5.81 -11.07 17.53
CA ARG C 116 5.19 -11.30 18.85
C ARG C 116 5.75 -10.44 19.94
N TYR C 117 4.81 -9.92 20.69
CA TYR C 117 5.20 -9.05 21.86
C TYR C 117 4.76 -9.92 23.04
N THR C 118 5.74 -10.21 23.87
CA THR C 118 5.36 -11.06 25.05
C THR C 118 6.06 -10.37 26.19
N TYR C 119 5.40 -10.32 27.30
CA TYR C 119 5.73 -9.68 28.54
C TYR C 119 6.23 -10.46 29.71
N LEU C 120 7.01 -9.98 30.65
CA LEU C 120 7.39 -10.92 31.78
C LEU C 120 7.56 -10.04 33.01
N PRO C 121 7.04 -10.54 34.09
CA PRO C 121 7.02 -9.80 35.33
C PRO C 121 8.32 -9.77 36.05
N SER C 122 8.43 -8.75 36.89
CA SER C 122 9.62 -8.56 37.73
C SER C 122 9.25 -8.29 39.19
N CYS C 123 8.11 -7.78 39.46
CA CYS C 123 7.63 -7.47 40.78
C CYS C 123 6.86 -8.61 41.38
N PRO C 124 6.73 -8.54 42.67
CA PRO C 124 5.97 -9.54 43.44
C PRO C 124 4.50 -9.45 43.21
N THR C 125 3.77 -10.49 43.42
CA THR C 125 2.32 -10.59 43.25
C THR C 125 1.65 -9.75 44.30
N THR C 126 2.14 -8.58 44.58
CA THR C 126 1.61 -7.71 45.63
C THR C 126 1.54 -6.32 44.99
N THR C 127 2.23 -6.24 43.87
CA THR C 127 2.26 -4.98 43.06
C THR C 127 0.89 -4.74 42.49
N SER C 128 0.39 -3.53 42.43
CA SER C 128 -0.99 -3.25 41.93
C SER C 128 -0.89 -2.67 40.52
N GLY C 129 -1.87 -3.02 39.71
CA GLY C 129 -1.85 -2.46 38.33
C GLY C 129 -1.77 -3.52 37.26
N ALA C 130 -2.54 -3.29 36.19
CA ALA C 130 -2.39 -4.39 35.14
C ALA C 130 -1.82 -3.80 33.86
N ILE C 131 -1.77 -4.68 32.83
CA ILE C 131 -1.22 -4.20 31.56
C ILE C 131 -2.21 -4.56 30.46
N HIS C 132 -2.10 -3.74 29.41
CA HIS C 132 -2.94 -3.93 28.27
C HIS C 132 -2.27 -3.66 26.96
N MET C 133 -2.56 -4.52 26.00
CA MET C 133 -1.90 -4.06 24.68
C MET C 133 -2.88 -4.47 23.58
N GLY C 134 -2.73 -3.79 22.48
CA GLY C 134 -3.65 -4.09 21.31
C GLY C 134 -3.00 -3.38 20.13
N PHE C 135 -3.53 -3.69 18.95
CA PHE C 135 -2.98 -3.11 17.70
C PHE C 135 -3.88 -2.05 17.08
N GLN C 136 -3.30 -1.20 16.29
CA GLN C 136 -3.90 -0.09 15.57
C GLN C 136 -3.32 -0.02 14.16
N TYR C 137 -4.13 0.46 13.20
CA TYR C 137 -3.51 0.43 11.84
C TYR C 137 -3.52 1.62 10.96
N ASP C 138 -4.34 2.58 11.08
CA ASP C 138 -4.36 3.80 10.19
C ASP C 138 -3.52 4.76 11.03
N MET C 139 -2.35 5.05 10.56
CA MET C 139 -1.40 5.87 11.31
C MET C 139 -1.91 7.21 11.72
N ALA C 140 -3.06 7.59 11.31
CA ALA C 140 -3.73 8.82 11.57
C ALA C 140 -4.73 8.68 12.67
N ASP C 141 -4.83 7.53 13.26
CA ASP C 141 -5.92 7.36 14.27
C ASP C 141 -5.41 7.74 15.62
N THR C 142 -6.18 8.47 16.36
CA THR C 142 -5.65 8.84 17.72
C THR C 142 -5.66 7.64 18.62
N LEU C 143 -4.77 7.56 19.56
CA LEU C 143 -4.68 6.50 20.52
C LEU C 143 -5.83 6.52 21.51
N PRO C 144 -6.14 5.37 22.02
CA PRO C 144 -7.18 5.21 23.04
C PRO C 144 -6.68 5.84 24.32
N VAL C 145 -7.63 6.26 25.10
CA VAL C 145 -7.40 6.85 26.38
C VAL C 145 -8.13 6.10 27.49
N SER C 146 -8.82 5.09 27.10
CA SER C 146 -9.61 4.36 28.14
C SER C 146 -9.30 2.92 28.00
N VAL C 147 -9.41 2.24 29.15
CA VAL C 147 -9.19 0.76 29.06
C VAL C 147 -10.37 0.24 28.22
N ASN C 148 -11.50 0.84 28.52
CA ASN C 148 -12.73 0.46 27.80
C ASN C 148 -12.42 0.44 26.30
N GLN C 149 -11.91 1.58 25.94
CA GLN C 149 -11.54 1.86 24.58
C GLN C 149 -10.61 0.82 23.97
N LEU C 150 -9.53 0.69 24.73
CA LEU C 150 -8.42 -0.19 24.41
C LEU C 150 -8.85 -1.62 24.19
N SER C 151 -9.87 -1.95 24.95
CA SER C 151 -10.30 -3.35 24.88
C SER C 151 -10.91 -3.80 23.59
N ASN C 152 -11.11 -3.04 22.57
CA ASN C 152 -11.74 -3.66 21.37
C ASN C 152 -10.71 -3.69 20.25
N LEU C 153 -9.46 -3.47 20.57
CA LEU C 153 -8.44 -3.48 19.48
C LEU C 153 -8.11 -4.94 19.18
N LYS C 154 -7.49 -5.18 18.06
CA LYS C 154 -7.08 -6.46 17.58
C LYS C 154 -6.27 -7.26 18.56
N GLY C 155 -5.14 -7.06 19.13
CA GLY C 155 -4.75 -8.32 20.03
C GLY C 155 -5.10 -8.07 21.46
N TYR C 156 -6.28 -7.54 21.74
CA TYR C 156 -6.51 -7.15 23.16
C TYR C 156 -6.07 -8.25 24.11
N VAL C 157 -5.18 -7.92 24.98
CA VAL C 157 -4.65 -8.84 25.99
C VAL C 157 -4.40 -7.93 27.23
N THR C 158 -4.63 -8.47 28.39
CA THR C 158 -4.45 -7.71 29.63
C THR C 158 -4.08 -8.64 30.78
N GLY C 159 -3.46 -8.17 31.82
CA GLY C 159 -3.14 -9.02 32.94
C GLY C 159 -2.54 -8.19 34.04
N PRO C 160 -2.75 -8.67 35.24
CA PRO C 160 -2.15 -8.01 36.42
C PRO C 160 -0.67 -7.99 36.08
N VAL C 161 0.03 -7.03 36.46
CA VAL C 161 1.43 -6.70 36.18
C VAL C 161 2.42 -7.66 36.75
N TRP C 162 1.89 -8.57 37.57
CA TRP C 162 2.79 -9.55 38.24
C TRP C 162 2.80 -10.89 37.56
N GLU C 163 1.87 -11.02 36.65
CA GLU C 163 1.67 -12.21 35.84
C GLU C 163 2.56 -12.17 34.61
N GLY C 164 2.56 -13.32 33.94
CA GLY C 164 3.29 -13.34 32.67
C GLY C 164 4.25 -14.40 32.33
N GLN C 165 4.55 -15.20 33.33
CA GLN C 165 5.55 -16.26 33.22
C GLN C 165 5.16 -17.46 32.41
N SER C 166 4.03 -17.38 31.83
CA SER C 166 3.55 -18.48 30.99
C SER C 166 4.22 -18.24 29.62
N GLY C 167 4.34 -16.97 29.32
CA GLY C 167 4.87 -16.55 28.04
C GLY C 167 6.29 -17.00 27.82
N LEU C 168 6.99 -17.19 28.94
CA LEU C 168 8.41 -17.53 28.80
C LEU C 168 8.75 -18.32 27.54
N CYS C 169 8.18 -19.50 27.32
CA CYS C 169 8.64 -20.20 26.08
C CYS C 169 8.73 -19.25 24.89
N PHE C 170 7.78 -18.44 24.58
CA PHE C 170 7.85 -17.53 23.42
C PHE C 170 9.17 -16.77 23.38
N VAL C 171 9.66 -16.36 24.49
CA VAL C 171 10.93 -15.56 24.50
C VAL C 171 12.10 -16.48 24.38
N ASN C 172 12.12 -17.43 25.28
CA ASN C 172 13.18 -18.44 25.28
C ASN C 172 13.07 -19.21 23.95
N ASN C 173 11.88 -19.60 23.71
CA ASN C 173 11.30 -20.42 22.65
C ASN C 173 12.06 -21.77 22.91
N THR C 174 11.37 -22.49 23.63
CA THR C 174 11.14 -23.65 24.37
C THR C 174 9.90 -24.22 23.71
N LYS C 175 9.30 -25.19 24.28
CA LYS C 175 8.08 -25.78 23.66
C LYS C 175 7.01 -25.28 24.61
N CYS C 176 6.05 -24.54 24.11
CA CYS C 176 5.10 -24.01 25.11
C CYS C 176 4.23 -24.98 25.84
N PRO C 177 4.19 -24.78 27.15
CA PRO C 177 3.36 -25.54 28.07
C PRO C 177 1.87 -25.28 27.92
N ASP C 178 1.26 -24.24 28.39
CA ASP C 178 -0.15 -23.90 28.34
C ASP C 178 -0.18 -22.37 28.40
N THR C 179 -0.36 -21.77 27.24
CA THR C 179 -0.32 -20.24 27.29
C THR C 179 -1.60 -19.58 27.62
N SER C 180 -2.62 -20.34 27.99
CA SER C 180 -3.95 -19.90 28.40
C SER C 180 -3.86 -18.46 28.95
N ARG C 181 -3.06 -18.38 29.98
CA ARG C 181 -2.79 -17.13 30.65
C ARG C 181 -1.49 -16.47 30.24
N ALA C 182 -1.20 -16.16 29.00
CA ALA C 182 0.19 -15.51 28.84
C ALA C 182 -0.11 -14.06 28.57
N ILE C 183 0.83 -13.18 28.46
CA ILE C 183 0.36 -11.76 28.09
C ILE C 183 1.08 -11.59 26.77
N THR C 184 0.56 -12.23 25.72
CA THR C 184 1.26 -12.11 24.43
C THR C 184 0.44 -11.39 23.42
N ILE C 185 0.98 -10.93 22.35
CA ILE C 185 0.12 -10.29 21.28
C ILE C 185 1.02 -10.55 20.07
N ALA C 186 0.29 -10.83 19.01
CA ALA C 186 0.96 -11.23 17.72
C ALA C 186 0.36 -10.54 16.54
N LEU C 187 1.20 -10.16 15.58
CA LEU C 187 0.62 -9.45 14.43
C LEU C 187 -0.37 -10.34 13.69
N ASP C 188 -1.28 -9.72 13.01
CA ASP C 188 -2.30 -10.49 12.21
C ASP C 188 -1.62 -10.20 10.85
N THR C 189 -0.48 -10.80 10.75
CA THR C 189 0.43 -10.77 9.64
C THR C 189 -0.21 -10.86 8.28
N ASN C 190 -1.25 -11.64 8.17
CA ASN C 190 -1.92 -11.87 6.86
C ASN C 190 -2.93 -10.80 6.53
N GLU C 191 -3.23 -9.92 7.49
CA GLU C 191 -4.22 -8.86 7.10
C GLU C 191 -3.63 -7.45 7.03
N VAL C 192 -2.31 -7.41 6.85
CA VAL C 192 -1.61 -6.12 6.67
C VAL C 192 -2.01 -5.55 5.30
N SER C 193 -1.90 -4.26 5.10
CA SER C 193 -2.25 -3.56 3.88
C SER C 193 -1.38 -3.65 2.63
N GLU C 194 -0.08 -3.60 2.81
CA GLU C 194 0.89 -3.68 1.71
C GLU C 194 1.42 -5.10 1.64
N LYS C 195 1.94 -5.47 0.48
CA LYS C 195 2.43 -6.89 0.36
C LYS C 195 3.85 -6.90 0.90
N ARG C 196 4.52 -5.80 0.65
CA ARG C 196 5.87 -5.62 1.16
C ARG C 196 5.97 -4.11 1.53
N TYR C 197 6.86 -3.82 2.40
CA TYR C 197 7.18 -2.54 2.92
C TYR C 197 8.65 -2.26 2.75
N PRO C 198 9.03 -1.03 2.46
CA PRO C 198 10.42 -0.61 2.33
C PRO C 198 10.90 -0.40 3.77
N PHE C 199 12.19 -0.45 3.85
CA PHE C 199 12.85 -0.31 5.17
C PHE C 199 12.96 1.18 5.37
N LYS C 200 12.54 1.59 6.55
CA LYS C 200 12.61 3.08 6.76
C LYS C 200 13.44 3.28 8.02
N THR C 201 14.12 4.39 7.99
CA THR C 201 14.96 4.87 9.12
C THR C 201 14.00 5.65 10.02
N ALA C 202 14.19 5.84 11.29
CA ALA C 202 13.17 6.59 12.08
C ALA C 202 12.90 8.00 11.50
N THR C 203 14.01 8.65 11.35
CA THR C 203 14.02 10.04 10.88
C THR C 203 13.35 10.15 9.54
N ASP C 204 13.71 9.21 8.62
CA ASP C 204 13.04 9.38 7.32
C ASP C 204 11.53 9.27 7.63
N TYR C 205 11.17 8.27 8.37
CA TYR C 205 9.74 8.05 8.71
C TYR C 205 9.13 9.37 9.11
N ALA C 206 9.53 9.74 10.28
CA ALA C 206 9.16 10.98 10.94
C ALA C 206 8.89 12.12 9.97
N THR C 207 9.99 12.48 9.28
CA THR C 207 9.92 13.55 8.30
C THR C 207 8.63 13.33 7.51
N ALA C 208 8.51 12.12 6.99
CA ALA C 208 7.34 11.79 6.13
C ALA C 208 5.98 12.02 6.76
N VAL C 209 5.91 11.47 7.93
CA VAL C 209 4.74 11.53 8.81
C VAL C 209 4.35 12.97 9.11
N GLY C 210 5.46 13.70 9.29
CA GLY C 210 5.27 15.13 9.60
C GLY C 210 4.57 15.79 8.41
N VAL C 211 4.85 15.38 7.20
CA VAL C 211 4.15 16.05 6.06
C VAL C 211 2.67 15.76 6.26
N ASN C 212 2.38 14.48 6.15
CA ASN C 212 0.98 14.06 6.39
C ASN C 212 1.06 12.71 7.13
N ALA C 213 0.40 12.75 8.28
CA ALA C 213 0.41 11.53 9.04
C ALA C 213 0.04 10.37 8.15
N ASN C 214 -0.55 10.47 6.99
CA ASN C 214 -0.89 9.03 6.58
C ASN C 214 -0.23 8.61 5.34
N ILE C 215 0.90 9.32 5.20
CA ILE C 215 1.89 8.98 4.18
C ILE C 215 2.51 7.70 4.86
N GLY C 216 2.41 7.87 6.19
CA GLY C 216 2.90 6.87 7.12
C GLY C 216 2.30 5.50 6.81
N ASN C 217 0.98 5.62 6.52
CA ASN C 217 0.25 4.36 6.25
C ASN C 217 0.98 3.45 5.28
N ILE C 218 1.92 3.83 4.49
CA ILE C 218 2.66 2.84 3.75
C ILE C 218 3.85 2.39 4.70
N LEU C 219 4.83 3.23 4.88
CA LEU C 219 5.96 2.88 5.78
C LEU C 219 5.70 1.88 6.88
N VAL C 220 4.60 1.73 7.55
CA VAL C 220 4.45 0.71 8.65
C VAL C 220 3.11 0.03 8.55
N PRO C 221 3.08 -1.26 8.83
CA PRO C 221 1.86 -2.06 8.72
C PRO C 221 0.95 -1.95 9.90
N ALA C 222 1.46 -1.51 11.03
CA ALA C 222 0.70 -1.41 12.29
C ALA C 222 1.44 -0.91 13.49
N ARG C 223 0.80 -0.38 14.50
CA ARG C 223 1.54 0.10 15.69
C ARG C 223 0.92 -0.57 16.89
N LEU C 224 1.77 -0.95 17.82
CA LEU C 224 1.35 -1.64 19.04
C LEU C 224 1.00 -0.61 20.09
N VAL C 225 -0.03 -0.83 20.84
CA VAL C 225 -0.46 0.12 21.87
C VAL C 225 -0.40 -0.46 23.26
N THR C 226 0.26 0.27 24.11
CA THR C 226 0.44 -0.18 25.51
C THR C 226 -0.23 0.69 26.52
N ALA C 227 -0.80 0.04 27.54
CA ALA C 227 -1.48 0.80 28.62
C ALA C 227 -1.10 0.23 29.98
N MET C 228 -0.83 1.16 30.88
CA MET C 228 -0.49 0.77 32.27
C MET C 228 -1.36 1.63 33.22
N GLU C 229 -2.29 0.95 33.84
CA GLU C 229 -3.25 1.56 34.78
C GLU C 229 -3.09 1.00 36.15
N GLY C 230 -4.04 0.68 36.95
CA GLY C 230 -3.98 0.11 38.25
C GLY C 230 -3.17 0.45 39.44
N GLY C 231 -2.08 1.17 39.33
CA GLY C 231 -1.21 1.57 40.24
C GLY C 231 -0.74 1.78 41.56
N SER C 232 -1.45 2.21 42.58
CA SER C 232 -0.84 2.43 43.91
C SER C 232 0.13 3.58 44.05
N SER C 233 1.25 3.74 43.43
CA SER C 233 2.17 4.91 43.63
C SER C 233 1.84 5.94 42.52
N LYS C 234 1.99 7.18 42.78
CA LYS C 234 1.75 8.34 41.91
C LYS C 234 2.98 8.49 41.03
N THR C 235 4.09 8.07 41.54
CA THR C 235 5.42 7.93 41.09
C THR C 235 5.57 6.55 40.45
N ALA C 236 6.21 6.38 39.35
CA ALA C 236 6.29 5.07 38.72
C ALA C 236 7.00 3.90 39.37
N VAL C 237 6.25 2.79 39.38
CA VAL C 237 6.79 1.52 39.88
C VAL C 237 7.09 0.62 38.69
N ASN C 238 8.35 0.20 38.67
CA ASN C 238 8.75 -0.69 37.55
C ASN C 238 8.11 -2.08 37.73
N THR C 239 7.53 -2.58 36.65
CA THR C 239 6.89 -3.88 36.67
C THR C 239 7.56 -5.06 35.97
N GLY C 240 7.45 -5.07 34.65
CA GLY C 240 7.98 -6.15 33.78
C GLY C 240 8.76 -5.56 32.63
N ARG C 241 8.87 -6.28 31.56
CA ARG C 241 9.60 -5.80 30.35
C ARG C 241 9.04 -6.66 29.23
N LEU C 242 9.15 -6.19 27.99
CA LEU C 242 8.54 -7.14 26.99
C LEU C 242 9.55 -7.30 25.87
N TYR C 243 9.43 -8.48 25.27
CA TYR C 243 10.24 -8.98 24.20
C TYR C 243 9.52 -9.14 22.90
N ALA C 244 10.28 -8.98 21.83
CA ALA C 244 9.79 -9.09 20.44
C ALA C 244 10.47 -10.34 19.88
N SER C 245 9.64 -10.96 19.08
CA SER C 245 10.04 -12.26 18.42
C SER C 245 9.35 -12.21 17.06
N TYR C 246 10.28 -12.15 16.12
CA TYR C 246 10.00 -12.04 14.72
C TYR C 246 10.67 -13.03 13.80
N THR C 247 10.09 -13.03 12.63
CA THR C 247 10.53 -13.79 11.48
C THR C 247 10.14 -12.90 10.30
N ILE C 248 11.19 -12.40 9.74
CA ILE C 248 11.03 -11.48 8.61
C ILE C 248 11.63 -11.90 7.32
N ARG C 249 11.05 -11.58 6.18
CA ARG C 249 11.59 -11.89 4.88
C ARG C 249 12.53 -10.79 4.43
N LEU C 250 13.77 -11.00 4.13
CA LEU C 250 14.54 -9.78 3.68
C LEU C 250 14.54 -9.83 2.18
N ILE C 251 14.63 -8.67 1.49
CA ILE C 251 14.61 -8.85 0.03
C ILE C 251 15.27 -7.95 -0.91
N GLU C 252 15.85 -6.87 -0.94
CA GLU C 252 16.46 -6.53 -2.45
C GLU C 252 17.60 -5.68 -1.95
N PRO C 253 18.67 -6.46 -1.75
CA PRO C 253 19.92 -5.95 -1.16
C PRO C 253 20.27 -4.58 -1.72
N ILE C 254 20.72 -3.76 -0.79
CA ILE C 254 21.16 -2.39 -0.98
C ILE C 254 22.28 -2.09 0.00
N ALA C 255 23.25 -1.23 -0.25
CA ALA C 255 24.29 -1.03 0.83
C ALA C 255 23.56 -0.19 1.91
N ALA C 256 23.96 -0.38 3.14
CA ALA C 256 23.19 0.38 4.21
C ALA C 256 23.26 1.85 3.92
N ALA C 257 24.46 2.41 3.88
CA ALA C 257 24.55 3.84 3.58
C ALA C 257 23.45 4.31 2.64
N LEU C 258 23.02 3.63 1.63
CA LEU C 258 21.97 4.24 0.76
C LEU C 258 20.54 4.09 1.21
N ASN C 259 20.27 3.20 2.14
CA ASN C 259 18.93 2.93 2.61
C ASN C 259 18.49 3.96 3.65
N LEU C 260 17.37 4.55 3.38
CA LEU C 260 16.74 5.47 4.29
C LEU C 260 15.29 4.90 4.50
#